data_3BQ7
#
_entry.id   3BQ7
#
_cell.length_a   108.079
_cell.length_b   108.079
_cell.length_c   33.513
_cell.angle_alpha   90.000
_cell.angle_beta   90.000
_cell.angle_gamma   120.000
#
_symmetry.space_group_name_H-M   'P 32'
#
_entity_poly.entity_id   1
_entity_poly.type   'polypeptide(L)'
_entity_poly.pdbx_seq_one_letter_code
;MEKTRPVHLWGTEEVAAWLEHLSLCEYKDIFTRHDIRGSGLLHLERRDLKDLGVTKVGHMKRILCGIKELSRSSRHHHHH
H
;
_entity_poly.pdbx_strand_id   A,B,C,D,E,F
#
# COMPACT_ATOMS: atom_id res chain seq x y z
N ARG A 5 -16.81 -6.31 -10.20
CA ARG A 5 -16.16 -5.83 -8.95
C ARG A 5 -17.04 -5.10 -7.95
N PRO A 6 -18.36 -4.99 -8.18
CA PRO A 6 -19.26 -4.30 -7.27
C PRO A 6 -19.00 -4.58 -5.81
N VAL A 7 -18.74 -3.51 -5.05
CA VAL A 7 -18.46 -3.61 -3.62
C VAL A 7 -19.28 -4.72 -3.00
N HIS A 8 -20.49 -4.90 -3.51
CA HIS A 8 -21.36 -5.91 -2.94
C HIS A 8 -21.07 -7.31 -3.44
N LEU A 9 -20.27 -7.44 -4.47
CA LEU A 9 -20.00 -8.75 -4.96
C LEU A 9 -18.60 -9.25 -4.61
N TRP A 10 -17.83 -8.45 -3.92
CA TRP A 10 -16.49 -8.86 -3.54
C TRP A 10 -16.44 -10.26 -2.93
N GLY A 11 -15.70 -11.13 -3.57
CA GLY A 11 -15.57 -12.47 -3.04
C GLY A 11 -14.71 -12.26 -1.80
N THR A 12 -14.58 -13.29 -0.98
CA THR A 12 -13.78 -13.18 0.25
C THR A 12 -12.36 -12.67 0.00
N GLU A 13 -11.80 -13.00 -1.15
CA GLU A 13 -10.47 -12.57 -1.47
C GLU A 13 -10.46 -11.12 -1.91
N GLU A 14 -11.58 -10.63 -2.41
CA GLU A 14 -11.68 -9.25 -2.85
C GLU A 14 -11.53 -8.38 -1.62
N VAL A 15 -12.25 -8.76 -0.58
CA VAL A 15 -12.20 -8.04 0.66
C VAL A 15 -10.75 -7.96 1.13
N ALA A 16 -10.11 -9.11 1.12
CA ALA A 16 -8.73 -9.23 1.56
C ALA A 16 -7.85 -8.11 1.03
N ALA A 17 -7.91 -7.89 -0.27
CA ALA A 17 -7.11 -6.86 -0.88
C ALA A 17 -7.38 -5.60 -0.11
N TRP A 18 -8.63 -5.21 -0.14
CA TRP A 18 -9.07 -4.02 0.54
C TRP A 18 -8.34 -3.81 1.85
N LEU A 19 -8.43 -4.78 2.74
CA LEU A 19 -7.77 -4.67 4.05
C LEU A 19 -6.29 -4.44 3.88
N GLU A 20 -5.71 -5.14 2.92
CA GLU A 20 -4.28 -5.05 2.64
C GLU A 20 -4.00 -3.66 2.08
N HIS A 21 -5.07 -3.10 1.60
CA HIS A 21 -5.06 -1.86 1.02
C HIS A 21 -5.08 -0.78 2.08
N LEU A 22 -5.48 -1.18 3.26
CA LEU A 22 -5.58 -0.28 4.42
C LEU A 22 -4.40 -0.60 5.35
N SER A 23 -3.57 -1.51 4.91
CA SER A 23 -2.44 -1.92 5.71
C SER A 23 -2.99 -2.58 6.95
N LEU A 24 -4.02 -3.40 6.77
CA LEU A 24 -4.60 -4.12 7.87
C LEU A 24 -4.58 -5.60 7.45
N CYS A 25 -3.51 -5.98 6.75
CA CYS A 25 -3.31 -7.35 6.26
C CYS A 25 -3.40 -8.35 7.37
N GLU A 26 -2.93 -7.94 8.54
CA GLU A 26 -2.95 -8.78 9.72
C GLU A 26 -4.34 -9.25 10.09
N TYR A 27 -5.36 -8.81 9.36
CA TYR A 27 -6.72 -9.22 9.64
C TYR A 27 -7.29 -10.07 8.50
N LYS A 28 -6.54 -10.17 7.41
CA LYS A 28 -6.99 -10.93 6.27
C LYS A 28 -7.46 -12.32 6.65
N ASP A 29 -6.86 -12.89 7.69
CA ASP A 29 -7.24 -14.24 8.16
C ASP A 29 -8.68 -14.38 8.56
N ILE A 30 -8.98 -13.86 9.74
CA ILE A 30 -10.32 -13.91 10.24
C ILE A 30 -11.32 -13.43 9.23
N PHE A 31 -11.04 -12.29 8.61
CA PHE A 31 -11.98 -11.75 7.63
C PHE A 31 -12.27 -12.76 6.55
N THR A 32 -11.35 -13.70 6.41
CA THR A 32 -11.50 -14.73 5.42
C THR A 32 -12.22 -15.88 6.05
N ARG A 33 -11.80 -16.28 7.25
CA ARG A 33 -12.49 -17.37 7.91
C ARG A 33 -14.00 -17.09 8.09
N HIS A 34 -14.32 -15.89 8.55
CA HIS A 34 -15.72 -15.55 8.75
C HIS A 34 -16.45 -15.29 7.44
N ASP A 35 -15.86 -15.74 6.34
CA ASP A 35 -16.49 -15.61 5.04
C ASP A 35 -17.09 -14.23 4.87
N ILE A 36 -16.27 -13.23 5.17
CA ILE A 36 -16.70 -11.85 5.07
C ILE A 36 -16.80 -11.44 3.59
N ARG A 37 -17.98 -11.65 3.00
CA ARG A 37 -18.19 -11.28 1.60
C ARG A 37 -18.24 -9.77 1.42
N GLY A 38 -18.30 -9.32 0.18
CA GLY A 38 -18.33 -7.89 -0.07
C GLY A 38 -19.38 -7.24 0.80
N SER A 39 -20.63 -7.51 0.49
CA SER A 39 -21.77 -6.98 1.23
C SER A 39 -21.62 -7.00 2.76
N GLY A 40 -21.19 -8.13 3.31
CA GLY A 40 -21.00 -8.23 4.75
C GLY A 40 -20.26 -7.00 5.27
N LEU A 41 -19.12 -6.69 4.67
CA LEU A 41 -18.35 -5.51 5.09
C LEU A 41 -19.27 -4.32 5.30
N LEU A 42 -20.03 -4.01 4.26
CA LEU A 42 -20.95 -2.89 4.26
C LEU A 42 -21.85 -2.76 5.51
N HIS A 43 -21.93 -3.78 6.34
CA HIS A 43 -22.78 -3.66 7.51
C HIS A 43 -22.13 -3.99 8.81
N LEU A 44 -20.82 -4.20 8.81
CA LEU A 44 -20.09 -4.51 10.04
C LEU A 44 -20.39 -3.37 11.03
N GLU A 45 -20.56 -3.72 12.29
CA GLU A 45 -20.84 -2.75 13.31
C GLU A 45 -19.76 -2.97 14.34
N ARG A 46 -19.49 -1.97 15.15
CA ARG A 46 -18.45 -2.11 16.15
C ARG A 46 -18.37 -3.50 16.72
N ARG A 47 -19.53 -4.08 17.04
CA ARG A 47 -19.51 -5.41 17.61
C ARG A 47 -19.00 -6.47 16.67
N ASP A 48 -19.45 -6.45 15.42
CA ASP A 48 -18.97 -7.43 14.48
C ASP A 48 -17.46 -7.44 14.50
N LEU A 49 -16.87 -6.24 14.48
CA LEU A 49 -15.42 -6.11 14.50
C LEU A 49 -14.87 -6.69 15.77
N LYS A 50 -15.51 -6.42 16.89
CA LYS A 50 -15.04 -6.98 18.15
C LYS A 50 -15.12 -8.51 18.10
N ASP A 51 -16.18 -9.05 17.48
CA ASP A 51 -16.33 -10.49 17.36
C ASP A 51 -15.33 -10.97 16.32
N LEU A 52 -15.05 -10.10 15.37
CA LEU A 52 -14.14 -10.44 14.31
C LEU A 52 -12.70 -10.36 14.74
N GLY A 53 -12.48 -10.02 16.00
CA GLY A 53 -11.11 -9.93 16.48
C GLY A 53 -10.46 -8.56 16.57
N VAL A 54 -10.88 -7.59 15.74
CA VAL A 54 -10.31 -6.23 15.77
C VAL A 54 -10.56 -5.58 17.12
N THR A 55 -9.52 -4.98 17.70
CA THR A 55 -9.64 -4.33 19.01
C THR A 55 -9.03 -2.94 19.08
N LYS A 56 -7.91 -2.72 18.42
CA LYS A 56 -7.33 -1.40 18.46
C LYS A 56 -8.30 -0.47 17.75
N VAL A 57 -8.96 0.35 18.56
CA VAL A 57 -9.93 1.29 18.05
C VAL A 57 -9.50 1.85 16.69
N GLY A 58 -8.31 2.44 16.67
CA GLY A 58 -7.77 3.03 15.46
C GLY A 58 -7.91 2.13 14.25
N HIS A 59 -8.16 0.87 14.50
CA HIS A 59 -8.33 -0.10 13.44
C HIS A 59 -9.80 -0.28 13.17
N MET A 60 -10.60 -0.42 14.21
CA MET A 60 -12.01 -0.51 13.92
C MET A 60 -12.40 0.74 13.12
N LYS A 61 -11.97 1.88 13.65
CA LYS A 61 -12.24 3.14 12.94
C LYS A 61 -11.70 3.07 11.53
N ARG A 62 -10.43 2.72 11.42
CA ARG A 62 -9.86 2.64 10.10
C ARG A 62 -10.71 1.76 9.18
N ILE A 63 -11.15 0.62 9.68
CA ILE A 63 -11.96 -0.29 8.87
C ILE A 63 -13.32 0.31 8.62
N LEU A 64 -13.96 0.77 9.69
CA LEU A 64 -15.29 1.36 9.61
C LEU A 64 -15.36 2.50 8.63
N CYS A 65 -14.38 3.40 8.68
CA CYS A 65 -14.37 4.52 7.76
C CYS A 65 -14.00 4.06 6.36
N GLY A 66 -13.22 2.99 6.29
CA GLY A 66 -12.85 2.47 4.99
C GLY A 66 -14.12 2.01 4.31
N ILE A 67 -15.17 1.78 5.10
CA ILE A 67 -16.47 1.32 4.61
C ILE A 67 -17.38 2.44 4.07
N LYS A 68 -17.65 3.47 4.85
CA LYS A 68 -18.50 4.56 4.37
C LYS A 68 -17.84 5.07 3.07
N GLU A 69 -16.52 5.06 3.13
CA GLU A 69 -15.63 5.47 2.05
C GLU A 69 -15.77 4.53 0.86
N LEU A 70 -16.60 3.50 1.01
CA LEU A 70 -16.81 2.50 -0.02
C LEU A 70 -18.16 2.61 -0.67
N SER A 71 -19.19 2.28 0.09
CA SER A 71 -20.55 2.37 -0.41
C SER A 71 -20.68 3.72 -1.12
N ARG A 72 -20.48 4.80 -0.35
CA ARG A 72 -20.54 6.19 -0.83
C ARG A 72 -19.62 6.48 -1.99
N PRO B 6 -1.37 18.32 8.72
CA PRO B 6 -2.85 18.17 8.72
C PRO B 6 -3.31 16.94 9.45
N VAL B 7 -4.22 17.18 10.38
CA VAL B 7 -4.79 16.14 11.22
C VAL B 7 -4.97 14.87 10.41
N HIS B 8 -5.68 15.01 9.29
CA HIS B 8 -5.95 13.86 8.43
C HIS B 8 -4.77 12.89 8.29
N LEU B 9 -3.55 13.33 8.58
CA LEU B 9 -2.42 12.40 8.46
C LEU B 9 -1.63 12.24 9.74
N TRP B 10 -2.12 12.83 10.81
CA TRP B 10 -1.44 12.72 12.09
C TRP B 10 -1.03 11.28 12.44
N GLY B 11 0.26 11.07 12.59
CA GLY B 11 0.71 9.75 12.94
C GLY B 11 0.26 9.58 14.38
N THR B 12 0.41 8.38 14.91
CA THR B 12 0.01 8.12 16.29
C THR B 12 0.66 9.08 17.28
N GLU B 13 1.86 9.55 16.95
CA GLU B 13 2.56 10.48 17.84
C GLU B 13 2.07 11.92 17.68
N GLU B 14 1.49 12.22 16.53
CA GLU B 14 0.99 13.56 16.29
C GLU B 14 -0.19 13.73 17.21
N VAL B 15 -1.02 12.70 17.26
CA VAL B 15 -2.20 12.73 18.11
C VAL B 15 -1.74 12.99 19.54
N ALA B 16 -0.75 12.24 19.98
CA ALA B 16 -0.20 12.34 21.34
C ALA B 16 -0.01 13.77 21.79
N ALA B 17 0.64 14.56 20.94
CA ALA B 17 0.88 15.96 21.27
C ALA B 17 -0.45 16.57 21.61
N TRP B 18 -1.33 16.56 20.62
CA TRP B 18 -2.67 17.10 20.76
C TRP B 18 -3.23 16.88 22.18
N LEU B 19 -3.29 15.61 22.59
CA LEU B 19 -3.81 15.24 23.91
C LEU B 19 -3.05 15.97 24.99
N GLU B 20 -1.75 16.01 24.80
CA GLU B 20 -0.89 16.66 25.72
C GLU B 20 -1.20 18.15 25.66
N HIS B 21 -1.70 18.60 24.53
CA HIS B 21 -2.07 20.01 24.36
C HIS B 21 -3.34 20.29 25.09
N LEU B 22 -4.05 19.23 25.41
CA LEU B 22 -5.33 19.36 26.11
C LEU B 22 -5.09 19.01 27.57
N SER B 23 -3.86 18.69 27.89
CA SER B 23 -3.53 18.32 29.24
C SER B 23 -4.24 17.02 29.53
N LEU B 24 -4.25 16.13 28.55
CA LEU B 24 -4.87 14.85 28.73
C LEU B 24 -3.78 13.83 28.43
N CYS B 25 -2.55 14.19 28.79
CA CYS B 25 -1.39 13.33 28.57
C CYS B 25 -1.57 11.93 29.15
N GLU B 26 -2.32 11.86 30.24
CA GLU B 26 -2.60 10.61 30.92
C GLU B 26 -3.32 9.62 30.04
N TYR B 27 -3.62 10.02 28.81
CA TYR B 27 -4.31 9.13 27.86
C TYR B 27 -3.43 8.80 26.66
N LYS B 28 -2.28 9.46 26.56
CA LYS B 28 -1.40 9.25 25.43
C LYS B 28 -1.11 7.75 25.22
N ASP B 29 -1.15 6.96 26.29
CA ASP B 29 -0.89 5.51 26.20
C ASP B 29 -1.85 4.77 25.29
N ILE B 30 -3.06 4.59 25.77
CA ILE B 30 -4.08 3.90 25.03
C ILE B 30 -4.23 4.47 23.66
N PHE B 31 -4.31 5.79 23.57
CA PHE B 31 -4.47 6.42 22.26
C PHE B 31 -3.37 6.03 21.31
N THR B 32 -2.28 5.59 21.89
CA THR B 32 -1.17 5.15 21.09
C THR B 32 -1.31 3.67 20.83
N ARG B 33 -1.62 2.90 21.85
CA ARG B 33 -1.81 1.47 21.67
C ARG B 33 -2.87 1.24 20.60
N HIS B 34 -4.04 1.84 20.76
CA HIS B 34 -5.10 1.65 19.78
C HIS B 34 -4.81 2.26 18.41
N ASP B 35 -3.55 2.60 18.17
CA ASP B 35 -3.15 3.13 16.89
C ASP B 35 -4.13 4.16 16.41
N ILE B 36 -4.40 5.12 17.29
CA ILE B 36 -5.32 6.19 16.99
C ILE B 36 -4.69 7.20 16.06
N ARG B 37 -4.78 6.95 14.75
CA ARG B 37 -4.19 7.85 13.78
C ARG B 37 -4.96 9.14 13.73
N GLY B 38 -4.47 10.07 12.93
CA GLY B 38 -5.13 11.34 12.83
C GLY B 38 -6.61 11.13 12.57
N SER B 39 -6.94 10.66 11.37
CA SER B 39 -8.34 10.47 10.96
C SER B 39 -9.23 9.79 11.99
N GLY B 40 -8.71 8.76 12.63
CA GLY B 40 -9.47 8.08 13.66
C GLY B 40 -10.08 9.06 14.64
N LEU B 41 -9.25 9.95 15.19
CA LEU B 41 -9.75 10.95 16.12
C LEU B 41 -11.04 11.55 15.62
N LEU B 42 -10.95 12.10 14.43
CA LEU B 42 -12.07 12.75 13.79
C LEU B 42 -13.39 11.99 13.84
N HIS B 43 -13.39 10.72 14.23
CA HIS B 43 -14.66 10.02 14.26
C HIS B 43 -14.98 9.32 15.53
N LEU B 44 -14.16 9.56 16.55
CA LEU B 44 -14.41 8.93 17.83
C LEU B 44 -15.82 9.31 18.28
N GLU B 45 -16.52 8.37 18.89
CA GLU B 45 -17.85 8.64 19.35
C GLU B 45 -17.78 8.25 20.81
N ARG B 46 -18.70 8.78 21.61
CA ARG B 46 -18.72 8.49 23.03
C ARG B 46 -18.29 7.07 23.35
N ARG B 47 -18.77 6.11 22.57
CA ARG B 47 -18.39 4.75 22.84
C ARG B 47 -16.93 4.48 22.62
N ASP B 48 -16.39 4.98 21.53
CA ASP B 48 -14.99 4.73 21.26
C ASP B 48 -14.18 5.17 22.44
N LEU B 49 -14.51 6.33 22.99
CA LEU B 49 -13.80 6.87 24.15
C LEU B 49 -14.01 5.95 25.34
N LYS B 50 -15.22 5.44 25.51
CA LYS B 50 -15.48 4.52 26.61
C LYS B 50 -14.67 3.24 26.41
N ASP B 51 -14.53 2.80 25.16
CA ASP B 51 -13.72 1.61 24.86
C ASP B 51 -12.26 1.99 25.00
N LEU B 52 -11.97 3.24 24.71
CA LEU B 52 -10.60 3.74 24.76
C LEU B 52 -10.15 3.99 26.15
N GLY B 53 -11.04 3.79 27.11
CA GLY B 53 -10.66 4.00 28.49
C GLY B 53 -11.11 5.30 29.13
N VAL B 54 -11.35 6.35 28.33
CA VAL B 54 -11.81 7.62 28.90
C VAL B 54 -13.15 7.47 29.60
N THR B 55 -13.30 8.04 30.80
CA THR B 55 -14.56 7.93 31.55
C THR B 55 -15.02 9.22 32.18
N LYS B 56 -14.11 10.03 32.66
CA LYS B 56 -14.56 11.28 33.25
C LYS B 56 -15.16 12.10 32.12
N VAL B 57 -16.48 12.23 32.16
CA VAL B 57 -17.22 12.96 31.16
C VAL B 57 -16.47 14.19 30.73
N GLY B 58 -16.13 15.04 31.70
CA GLY B 58 -15.41 16.27 31.41
C GLY B 58 -14.24 16.04 30.47
N HIS B 59 -13.79 14.80 30.39
CA HIS B 59 -12.68 14.46 29.50
C HIS B 59 -13.18 14.00 28.16
N MET B 60 -14.20 13.14 28.15
CA MET B 60 -14.77 12.72 26.88
C MET B 60 -15.16 13.99 26.12
N LYS B 61 -15.84 14.88 26.84
CA LYS B 61 -16.23 16.15 26.26
C LYS B 61 -15.01 16.92 25.82
N ARG B 62 -14.03 17.06 26.70
CA ARG B 62 -12.84 17.81 26.35
C ARG B 62 -12.18 17.29 25.07
N ILE B 63 -12.17 15.97 24.92
CA ILE B 63 -11.57 15.35 23.75
C ILE B 63 -12.49 15.55 22.57
N LEU B 64 -13.77 15.24 22.72
CA LEU B 64 -14.75 15.38 21.65
C LEU B 64 -14.82 16.79 21.08
N CYS B 65 -14.77 17.79 21.96
CA CYS B 65 -14.85 19.17 21.50
C CYS B 65 -13.53 19.58 20.90
N GLY B 66 -12.45 18.97 21.39
CA GLY B 66 -11.13 19.28 20.86
C GLY B 66 -11.08 18.81 19.42
N ILE B 67 -12.02 17.93 19.06
CA ILE B 67 -12.17 17.35 17.72
C ILE B 67 -13.05 18.26 16.88
N LYS B 68 -14.25 18.54 17.35
CA LYS B 68 -15.10 19.45 16.61
C LYS B 68 -14.18 20.63 16.35
N GLU B 69 -13.43 21.02 17.38
CA GLU B 69 -12.49 22.13 17.30
C GLU B 69 -11.22 21.73 16.56
N LEU B 70 -11.36 20.87 15.55
CA LEU B 70 -10.20 20.43 14.75
C LEU B 70 -10.58 20.33 13.28
N SER B 71 -11.70 19.65 13.02
CA SER B 71 -12.20 19.52 11.66
C SER B 71 -12.65 20.91 11.18
N ARG B 72 -13.66 21.46 11.88
CA ARG B 72 -14.23 22.79 11.60
C ARG B 72 -13.09 23.78 11.68
N THR C 4 3.09 -13.93 13.26
CA THR C 4 4.47 -14.22 13.80
C THR C 4 5.40 -14.86 12.77
N ARG C 5 6.54 -14.25 12.48
CA ARG C 5 7.42 -14.82 11.47
C ARG C 5 8.90 -14.58 11.58
N PRO C 6 9.67 -15.42 10.87
CA PRO C 6 11.12 -15.28 10.87
C PRO C 6 11.37 -13.82 10.65
N VAL C 7 11.75 -13.10 11.69
CA VAL C 7 12.02 -11.69 11.58
C VAL C 7 12.86 -11.61 10.31
N HIS C 8 13.54 -12.72 10.01
CA HIS C 8 14.38 -12.81 8.83
C HIS C 8 13.51 -12.57 7.63
N LEU C 9 12.21 -12.65 7.83
CA LEU C 9 11.23 -12.37 6.76
C LEU C 9 10.18 -11.32 7.19
N TRP C 10 10.31 -10.81 8.41
CA TRP C 10 9.39 -9.78 8.93
C TRP C 10 9.16 -8.65 7.95
N GLY C 11 7.93 -8.56 7.47
CA GLY C 11 7.60 -7.48 6.56
C GLY C 11 7.80 -6.25 7.40
N THR C 12 7.77 -5.11 6.75
CA THR C 12 7.96 -3.84 7.43
C THR C 12 6.94 -3.70 8.57
N GLU C 13 5.76 -4.28 8.40
CA GLU C 13 4.75 -4.18 9.43
C GLU C 13 5.02 -5.16 10.57
N GLU C 14 5.76 -6.23 10.29
CA GLU C 14 6.09 -7.23 11.32
C GLU C 14 7.04 -6.60 12.33
N VAL C 15 7.97 -5.82 11.80
CA VAL C 15 8.91 -5.12 12.63
C VAL C 15 8.15 -4.21 13.57
N ALA C 16 7.23 -3.44 12.98
CA ALA C 16 6.37 -2.47 13.69
C ALA C 16 5.84 -3.00 15.01
N ALA C 17 5.21 -4.16 14.93
CA ALA C 17 4.67 -4.78 16.11
C ALA C 17 5.79 -4.79 17.14
N TRP C 18 6.86 -5.48 16.77
CA TRP C 18 8.03 -5.62 17.59
C TRP C 18 8.31 -4.38 18.40
N LEU C 19 8.46 -3.26 17.70
CA LEU C 19 8.73 -1.98 18.36
C LEU C 19 7.65 -1.64 19.36
N GLU C 20 6.41 -1.87 18.93
CA GLU C 20 5.26 -1.58 19.75
C GLU C 20 5.31 -2.50 20.94
N HIS C 21 5.94 -3.65 20.75
CA HIS C 21 6.08 -4.61 21.82
C HIS C 21 7.11 -4.13 22.80
N LEU C 22 7.93 -3.20 22.36
CA LEU C 22 8.98 -2.67 23.21
C LEU C 22 8.52 -1.34 23.71
N SER C 23 7.30 -0.98 23.35
CA SER C 23 6.78 0.30 23.75
C SER C 23 7.66 1.38 23.15
N LEU C 24 8.01 1.18 21.89
CA LEU C 24 8.80 2.15 21.16
C LEU C 24 7.99 2.46 19.89
N CYS C 25 6.66 2.50 20.06
CA CYS C 25 5.71 2.76 18.99
C CYS C 25 5.99 4.09 18.27
N GLU C 26 6.54 5.04 19.02
CA GLU C 26 6.88 6.37 18.52
C GLU C 26 7.94 6.32 17.43
N TYR C 27 8.44 5.12 17.12
CA TYR C 27 9.45 4.92 16.11
C TYR C 27 8.93 4.10 14.96
N LYS C 28 7.73 3.60 15.10
CA LYS C 28 7.19 2.81 14.02
C LYS C 28 7.20 3.60 12.69
N ASP C 29 7.11 4.92 12.74
CA ASP C 29 7.11 5.70 11.51
C ASP C 29 8.34 5.47 10.66
N ILE C 30 9.45 6.05 11.09
CA ILE C 30 10.74 5.95 10.40
C ILE C 30 11.09 4.51 10.05
N PHE C 31 11.01 3.62 11.04
CA PHE C 31 11.33 2.22 10.81
C PHE C 31 10.56 1.66 9.65
N THR C 32 9.45 2.33 9.33
CA THR C 32 8.59 1.93 8.23
C THR C 32 9.08 2.62 6.99
N ARG C 33 9.28 3.93 7.11
CA ARG C 33 9.75 4.69 5.97
C ARG C 33 11.00 3.99 5.44
N HIS C 34 12.02 3.87 6.28
CA HIS C 34 13.26 3.25 5.86
C HIS C 34 13.15 1.80 5.45
N ASP C 35 11.93 1.36 5.20
CA ASP C 35 11.72 -0.01 4.75
C ASP C 35 12.58 -0.98 5.55
N ILE C 36 12.54 -0.82 6.87
CA ILE C 36 13.29 -1.67 7.78
C ILE C 36 12.71 -3.10 7.82
N ARG C 37 13.17 -3.95 6.90
CA ARG C 37 12.67 -5.32 6.86
C ARG C 37 13.14 -6.11 8.06
N GLY C 38 12.63 -7.32 8.19
CA GLY C 38 13.03 -8.15 9.29
C GLY C 38 14.52 -8.21 9.42
N SER C 39 15.18 -8.82 8.43
CA SER C 39 16.63 -8.93 8.45
C SER C 39 17.37 -7.63 8.80
N GLY C 40 16.97 -6.54 8.14
CA GLY C 40 17.59 -5.26 8.40
C GLY C 40 17.82 -5.07 9.89
N LEU C 41 16.74 -5.23 10.67
CA LEU C 41 16.83 -5.08 12.12
C LEU C 41 18.07 -5.77 12.63
N LEU C 42 18.15 -7.06 12.33
CA LEU C 42 19.25 -7.89 12.76
C LEU C 42 20.66 -7.28 12.62
N HIS C 43 20.80 -6.20 11.85
CA HIS C 43 22.14 -5.63 11.66
C HIS C 43 22.30 -4.16 11.96
N LEU C 44 21.25 -3.55 12.48
CA LEU C 44 21.32 -2.15 12.82
C LEU C 44 22.51 -1.98 13.75
N GLU C 45 23.23 -0.89 13.56
CA GLU C 45 24.40 -0.58 14.39
C GLU C 45 24.06 0.77 14.98
N ARG C 46 24.71 1.15 16.05
CA ARG C 46 24.46 2.46 16.63
C ARG C 46 24.13 3.51 15.63
N ARG C 47 24.96 3.61 14.60
CA ARG C 47 24.79 4.65 13.61
C ARG C 47 23.47 4.55 12.90
N ASP C 48 23.11 3.34 12.48
CA ASP C 48 21.85 3.16 11.78
C ASP C 48 20.75 3.77 12.57
N LEU C 49 20.76 3.49 13.86
CA LEU C 49 19.75 4.02 14.74
C LEU C 49 19.84 5.52 14.77
N LYS C 50 21.07 6.05 14.84
CA LYS C 50 21.23 7.49 14.87
C LYS C 50 20.70 8.07 13.56
N ASP C 51 20.94 7.35 12.47
CA ASP C 51 20.46 7.80 11.16
C ASP C 51 18.97 7.57 11.13
N LEU C 52 18.53 6.56 11.86
CA LEU C 52 17.12 6.24 11.91
C LEU C 52 16.32 7.13 12.84
N GLY C 53 16.97 8.11 13.46
CA GLY C 53 16.23 9.01 14.34
C GLY C 53 16.33 8.74 15.83
N VAL C 54 16.51 7.49 16.23
CA VAL C 54 16.61 7.18 17.66
C VAL C 54 17.77 7.94 18.24
N THR C 55 17.58 8.50 19.44
CA THR C 55 18.65 9.24 20.10
C THR C 55 18.75 8.95 21.59
N LYS C 56 17.63 8.74 22.25
CA LYS C 56 17.72 8.45 23.67
C LYS C 56 18.38 7.10 23.83
N VAL C 57 19.65 7.15 24.23
CA VAL C 57 20.45 5.96 24.42
C VAL C 57 19.59 4.79 24.93
N GLY C 58 18.91 5.01 26.06
CA GLY C 58 18.07 3.99 26.65
C GLY C 58 17.18 3.33 25.63
N HIS C 59 17.02 3.97 24.48
CA HIS C 59 16.18 3.44 23.42
C HIS C 59 17.01 2.66 22.39
N MET C 60 18.14 3.23 21.99
CA MET C 60 18.99 2.50 21.07
C MET C 60 19.34 1.17 21.73
N LYS C 61 19.73 1.30 22.99
CA LYS C 61 20.03 0.11 23.77
C LYS C 61 18.80 -0.80 23.73
N ARG C 62 17.67 -0.27 24.20
CA ARG C 62 16.45 -1.08 24.22
C ARG C 62 16.22 -1.78 22.86
N ILE C 63 16.44 -1.07 21.76
CA ILE C 63 16.22 -1.66 20.44
C ILE C 63 17.31 -2.67 20.17
N LEU C 64 18.54 -2.24 20.40
CA LEU C 64 19.69 -3.10 20.16
C LEU C 64 19.62 -4.43 20.88
N CYS C 65 19.22 -4.39 22.15
CA CYS C 65 19.11 -5.62 22.93
C CYS C 65 17.87 -6.40 22.49
N GLY C 66 16.87 -5.66 22.04
CA GLY C 66 15.65 -6.28 21.58
C GLY C 66 16.05 -7.16 20.45
N ILE C 67 17.19 -6.82 19.86
CA ILE C 67 17.69 -7.59 18.74
C ILE C 67 18.63 -8.68 19.23
N LYS C 68 19.59 -8.33 20.15
CA LYS C 68 20.41 -9.47 20.67
C LYS C 68 19.41 -10.50 20.98
N GLU C 69 18.58 -10.22 21.97
CA GLU C 69 17.60 -11.21 22.31
C GLU C 69 16.87 -11.84 21.14
N LEU C 70 16.83 -11.27 19.91
CA LEU C 70 16.17 -11.87 18.74
C LEU C 70 16.78 -13.15 18.09
N SER C 71 17.90 -12.94 17.44
CA SER C 71 18.68 -14.00 16.80
C SER C 71 18.80 -15.10 17.91
N ARG C 72 19.42 -14.70 19.03
CA ARG C 72 19.75 -15.45 20.22
C ARG C 72 18.57 -16.06 20.89
N SER C 73 17.55 -15.29 21.26
CA SER C 73 16.36 -15.82 21.94
C SER C 73 16.36 -15.77 23.52
N PRO D 6 2.20 0.74 -3.67
CA PRO D 6 1.97 -0.66 -4.12
C PRO D 6 1.50 -0.73 -5.57
N VAL D 7 2.06 -1.67 -6.31
CA VAL D 7 1.73 -1.86 -7.71
C VAL D 7 0.24 -1.73 -7.96
N HIS D 8 -0.49 -2.75 -7.55
CA HIS D 8 -1.93 -2.81 -7.74
C HIS D 8 -2.77 -1.54 -7.72
N LEU D 9 -2.72 -0.80 -6.64
CA LEU D 9 -3.52 0.42 -6.48
C LEU D 9 -2.97 1.73 -7.04
N TRP D 10 -1.88 1.64 -7.77
CA TRP D 10 -1.27 2.82 -8.37
C TRP D 10 -2.24 3.79 -9.02
N GLY D 11 -2.31 4.99 -8.44
CA GLY D 11 -3.18 5.98 -9.01
C GLY D 11 -2.54 6.24 -10.36
N THR D 12 -3.28 6.94 -11.18
CA THR D 12 -2.80 7.26 -12.51
C THR D 12 -1.43 7.93 -12.42
N GLU D 13 -1.19 8.67 -11.34
CA GLU D 13 0.09 9.36 -11.20
C GLU D 13 1.17 8.42 -10.70
N GLU D 14 0.75 7.33 -10.05
CA GLU D 14 1.73 6.38 -9.55
C GLU D 14 2.36 5.73 -10.76
N VAL D 15 1.52 5.42 -11.73
CA VAL D 15 1.97 4.81 -12.97
C VAL D 15 3.00 5.72 -13.61
N ALA D 16 2.63 6.99 -13.75
CA ALA D 16 3.47 8.02 -14.37
C ALA D 16 4.91 7.91 -13.93
N ALA D 17 5.13 7.87 -12.62
CA ALA D 17 6.48 7.77 -12.10
C ALA D 17 7.13 6.59 -12.81
N TRP D 18 6.54 5.42 -12.60
CA TRP D 18 7.04 4.21 -13.20
C TRP D 18 7.60 4.42 -14.61
N LEU D 19 6.78 4.98 -15.50
CA LEU D 19 7.22 5.25 -16.87
C LEU D 19 8.46 6.12 -16.89
N GLU D 20 8.43 7.16 -16.08
CA GLU D 20 9.53 8.09 -15.99
C GLU D 20 10.72 7.32 -15.45
N HIS D 21 10.43 6.25 -14.72
CA HIS D 21 11.48 5.42 -14.17
C HIS D 21 12.07 4.59 -15.28
N LEU D 22 11.29 4.45 -16.33
CA LEU D 22 11.73 3.67 -17.47
C LEU D 22 12.25 4.62 -18.50
N SER D 23 12.20 5.90 -18.16
CA SER D 23 12.65 6.92 -19.09
C SER D 23 11.73 6.87 -20.30
N LEU D 24 10.45 6.71 -20.02
CA LEU D 24 9.46 6.68 -21.08
C LEU D 24 8.49 7.77 -20.70
N CYS D 25 9.04 8.85 -20.14
CA CYS D 25 8.26 10.02 -19.71
C CYS D 25 7.38 10.60 -20.84
N GLU D 26 7.83 10.43 -22.07
CA GLU D 26 7.12 10.92 -23.25
C GLU D 26 5.76 10.24 -23.46
N TYR D 27 5.44 9.28 -22.62
CA TYR D 27 4.18 8.55 -22.73
C TYR D 27 3.30 8.85 -21.54
N LYS D 28 3.85 9.50 -20.52
CA LYS D 28 3.06 9.82 -19.34
C LYS D 28 1.72 10.46 -19.72
N ASP D 29 1.68 11.18 -20.84
CA ASP D 29 0.44 11.82 -21.25
C ASP D 29 -0.70 10.84 -21.42
N ILE D 30 -0.67 10.14 -22.55
CA ILE D 30 -1.69 9.15 -22.87
C ILE D 30 -2.01 8.23 -21.71
N PHE D 31 -0.97 7.67 -21.09
CA PHE D 31 -1.14 6.75 -19.97
C PHE D 31 -1.95 7.38 -18.86
N THR D 32 -2.00 8.72 -18.89
CA THR D 32 -2.76 9.46 -17.90
C THR D 32 -4.16 9.67 -18.46
N ARG D 33 -4.22 10.14 -19.70
CA ARG D 33 -5.51 10.36 -20.32
C ARG D 33 -6.30 9.08 -20.19
N HIS D 34 -5.77 7.99 -20.71
CA HIS D 34 -6.48 6.73 -20.65
C HIS D 34 -6.67 6.18 -19.27
N ASP D 35 -6.53 7.04 -18.27
CA ASP D 35 -6.76 6.64 -16.88
C ASP D 35 -6.16 5.27 -16.61
N ILE D 36 -4.91 5.11 -17.03
CA ILE D 36 -4.20 3.85 -16.83
C ILE D 36 -3.85 3.63 -15.36
N ARG D 37 -4.76 3.02 -14.59
CA ARG D 37 -4.55 2.75 -13.15
C ARG D 37 -3.52 1.68 -12.92
N GLY D 38 -3.15 1.49 -11.68
CA GLY D 38 -2.15 0.49 -11.40
C GLY D 38 -2.45 -0.80 -12.11
N SER D 39 -3.53 -1.46 -11.68
CA SER D 39 -3.93 -2.74 -12.26
C SER D 39 -3.93 -2.80 -13.79
N GLY D 40 -4.51 -1.79 -14.44
CA GLY D 40 -4.55 -1.76 -15.90
C GLY D 40 -3.19 -2.14 -16.49
N LEU D 41 -2.12 -1.53 -16.01
CA LEU D 41 -0.79 -1.81 -16.50
C LEU D 41 -0.63 -3.28 -16.59
N LEU D 42 -0.85 -3.90 -15.45
CA LEU D 42 -0.70 -5.35 -15.32
C LEU D 42 -1.35 -6.20 -16.42
N HIS D 43 -2.19 -5.62 -17.27
CA HIS D 43 -2.80 -6.44 -18.31
C HIS D 43 -2.67 -5.89 -19.69
N LEU D 44 -1.89 -4.82 -19.85
CA LEU D 44 -1.71 -4.25 -21.16
C LEU D 44 -1.20 -5.35 -22.06
N GLU D 45 -1.72 -5.37 -23.29
CA GLU D 45 -1.33 -6.36 -24.28
C GLU D 45 -0.83 -5.55 -25.45
N ARG D 46 0.04 -6.16 -26.26
CA ARG D 46 0.58 -5.45 -27.40
C ARG D 46 -0.40 -4.48 -28.02
N ARG D 47 -1.65 -4.91 -28.18
CA ARG D 47 -2.63 -4.04 -28.78
C ARG D 47 -2.94 -2.82 -27.95
N ASP D 48 -3.11 -3.03 -26.65
CA ASP D 48 -3.41 -1.90 -25.76
C ASP D 48 -2.39 -0.80 -25.97
N LEU D 49 -1.12 -1.20 -26.05
CA LEU D 49 -0.02 -0.26 -26.25
C LEU D 49 -0.11 0.41 -27.63
N LYS D 50 -0.47 -0.37 -28.64
CA LYS D 50 -0.63 0.18 -29.97
C LYS D 50 -1.78 1.18 -29.93
N ASP D 51 -2.84 0.87 -29.17
CA ASP D 51 -3.99 1.78 -29.04
C ASP D 51 -3.56 2.92 -28.14
N LEU D 52 -2.66 2.63 -27.22
CA LEU D 52 -2.17 3.63 -26.29
C LEU D 52 -1.14 4.57 -26.90
N GLY D 53 -0.82 4.34 -28.17
CA GLY D 53 0.14 5.21 -28.83
C GLY D 53 1.55 4.67 -28.98
N VAL D 54 1.99 3.80 -28.08
CA VAL D 54 3.36 3.26 -28.19
C VAL D 54 3.50 2.53 -29.52
N THR D 55 4.64 2.70 -30.17
CA THR D 55 4.87 2.04 -31.46
C THR D 55 6.30 1.50 -31.59
N LYS D 56 7.24 2.22 -31.01
CA LYS D 56 8.58 1.74 -31.12
C LYS D 56 8.67 0.45 -30.28
N VAL D 57 8.71 -0.67 -30.99
CA VAL D 57 8.79 -1.97 -30.37
C VAL D 57 9.61 -1.94 -29.09
N GLY D 58 10.87 -1.54 -29.19
CA GLY D 58 11.76 -1.49 -28.05
C GLY D 58 11.16 -0.77 -26.87
N HIS D 59 10.02 -0.11 -27.09
CA HIS D 59 9.32 0.61 -26.04
C HIS D 59 8.18 -0.24 -25.52
N MET D 60 7.40 -0.77 -26.45
CA MET D 60 6.36 -1.66 -26.01
C MET D 60 7.03 -2.74 -25.16
N LYS D 61 8.11 -3.31 -25.71
CA LYS D 61 8.86 -4.34 -24.99
C LYS D 61 9.31 -3.79 -23.64
N ARG D 62 9.94 -2.62 -23.66
CA ARG D 62 10.42 -2.01 -22.42
C ARG D 62 9.28 -1.83 -21.42
N ILE D 63 8.12 -1.44 -21.90
CA ILE D 63 6.97 -1.28 -21.02
C ILE D 63 6.50 -2.65 -20.54
N LEU D 64 6.25 -3.53 -21.51
CA LEU D 64 5.77 -4.88 -21.25
C LEU D 64 6.62 -5.64 -20.26
N CYS D 65 7.93 -5.55 -20.40
CA CYS D 65 8.81 -6.25 -19.48
C CYS D 65 8.83 -5.51 -18.13
N GLY D 66 8.62 -4.19 -18.18
CA GLY D 66 8.60 -3.42 -16.96
C GLY D 66 7.48 -3.95 -16.09
N ILE D 67 6.51 -4.59 -16.75
CA ILE D 67 5.35 -5.17 -16.07
C ILE D 67 5.69 -6.55 -15.44
N LYS D 68 6.37 -7.44 -16.17
CA LYS D 68 6.73 -8.76 -15.59
C LYS D 68 7.69 -8.51 -14.43
N GLU D 69 8.60 -7.55 -14.63
CA GLU D 69 9.59 -7.17 -13.63
C GLU D 69 8.93 -6.34 -12.55
N LEU D 70 7.60 -6.40 -12.46
CA LEU D 70 6.84 -5.68 -11.42
C LEU D 70 6.07 -6.72 -10.65
N SER D 71 5.32 -7.53 -11.40
CA SER D 71 4.55 -8.60 -10.79
C SER D 71 5.59 -9.51 -10.11
N ARG D 72 6.50 -10.03 -10.93
CA ARG D 72 7.57 -10.92 -10.49
C ARG D 72 8.40 -10.34 -9.36
N SER D 73 9.26 -9.38 -9.70
CA SER D 73 10.15 -8.71 -8.74
C SER D 73 11.54 -9.32 -8.72
N ARG E 5 -27.91 -13.68 -9.64
CA ARG E 5 -28.48 -12.92 -10.78
C ARG E 5 -27.81 -13.21 -12.12
N PRO E 6 -28.55 -13.85 -13.06
CA PRO E 6 -27.91 -14.13 -14.34
C PRO E 6 -27.64 -12.69 -14.59
N VAL E 7 -26.45 -12.41 -15.05
CA VAL E 7 -26.04 -11.07 -15.27
C VAL E 7 -26.75 -10.74 -16.55
N HIS E 8 -26.70 -11.67 -17.51
CA HIS E 8 -27.32 -11.49 -18.81
C HIS E 8 -28.76 -10.97 -18.82
N LEU E 9 -29.56 -11.24 -17.78
CA LEU E 9 -30.89 -10.68 -17.82
C LEU E 9 -30.92 -9.22 -17.33
N TRP E 10 -29.76 -8.70 -16.97
CA TRP E 10 -29.64 -7.31 -16.48
C TRP E 10 -30.33 -6.29 -17.37
N GLY E 11 -31.35 -5.65 -16.82
CA GLY E 11 -32.05 -4.65 -17.57
C GLY E 11 -31.01 -3.58 -17.83
N THR E 12 -31.33 -2.65 -18.71
CA THR E 12 -30.41 -1.59 -19.04
C THR E 12 -29.99 -0.87 -17.78
N GLU E 13 -30.89 -0.83 -16.81
CA GLU E 13 -30.58 -0.18 -15.56
C GLU E 13 -29.69 -1.04 -14.65
N GLU E 14 -29.79 -2.36 -14.81
CA GLU E 14 -28.98 -3.28 -14.01
C GLU E 14 -27.54 -3.03 -14.38
N VAL E 15 -27.30 -2.86 -15.66
CA VAL E 15 -25.98 -2.59 -16.14
C VAL E 15 -25.48 -1.32 -15.47
N ALA E 16 -26.32 -0.28 -15.54
CA ALA E 16 -26.01 1.04 -15.00
C ALA E 16 -25.34 0.99 -13.65
N ALA E 17 -25.94 0.21 -12.76
CA ALA E 17 -25.38 0.06 -11.43
C ALA E 17 -23.95 -0.38 -11.58
N TRP E 18 -23.80 -1.52 -12.23
CA TRP E 18 -22.51 -2.11 -12.46
C TRP E 18 -21.44 -1.06 -12.75
N LEU E 19 -21.69 -0.21 -13.76
CA LEU E 19 -20.77 0.84 -14.18
C LEU E 19 -20.50 1.76 -13.02
N GLU E 20 -21.58 2.09 -12.33
CA GLU E 20 -21.50 2.95 -11.19
C GLU E 20 -20.67 2.25 -10.14
N HIS E 21 -20.71 0.92 -10.14
CA HIS E 21 -19.93 0.11 -9.19
C HIS E 21 -18.48 0.11 -9.53
N LEU E 22 -18.18 0.48 -10.77
CA LEU E 22 -16.83 0.56 -11.26
C LEU E 22 -16.42 2.02 -11.26
N SER E 23 -17.31 2.88 -10.78
CA SER E 23 -17.03 4.30 -10.75
C SER E 23 -16.84 4.77 -12.17
N LEU E 24 -17.70 4.29 -13.05
CA LEU E 24 -17.66 4.68 -14.44
C LEU E 24 -19.06 5.19 -14.74
N CYS E 25 -19.64 5.87 -13.75
CA CYS E 25 -20.99 6.43 -13.83
C CYS E 25 -21.13 7.38 -15.04
N GLU E 26 -20.04 8.06 -15.38
CA GLU E 26 -20.00 9.00 -16.51
C GLU E 26 -20.31 8.36 -17.87
N TYR E 27 -20.52 7.05 -17.87
CA TYR E 27 -20.82 6.31 -19.07
C TYR E 27 -22.22 5.73 -19.02
N LYS E 28 -22.85 5.78 -17.85
CA LYS E 28 -24.18 5.25 -17.70
C LYS E 28 -25.09 5.75 -18.81
N ASP E 29 -24.81 6.94 -19.34
CA ASP E 29 -25.63 7.51 -20.38
C ASP E 29 -25.70 6.66 -21.62
N ILE E 30 -24.61 6.65 -22.37
CA ILE E 30 -24.50 5.89 -23.61
C ILE E 30 -24.89 4.44 -23.40
N PHE E 31 -24.31 3.81 -22.38
CA PHE E 31 -24.63 2.43 -22.10
C PHE E 31 -26.11 2.21 -22.00
N THR E 32 -26.83 3.27 -21.72
CA THR E 32 -28.28 3.18 -21.59
C THR E 32 -28.89 3.46 -22.96
N ARG E 33 -28.45 4.53 -23.60
CA ARG E 33 -28.98 4.84 -24.91
C ARG E 33 -28.86 3.60 -25.76
N HIS E 34 -27.63 3.11 -25.89
CA HIS E 34 -27.39 1.93 -26.66
C HIS E 34 -28.06 0.67 -26.17
N ASP E 35 -29.06 0.82 -25.31
CA ASP E 35 -29.78 -0.37 -24.86
C ASP E 35 -28.85 -1.50 -24.50
N ILE E 36 -27.76 -1.16 -23.84
CA ILE E 36 -26.80 -2.18 -23.48
C ILE E 36 -27.41 -3.11 -22.43
N ARG E 37 -28.04 -4.19 -22.88
CA ARG E 37 -28.63 -5.16 -21.97
C ARG E 37 -27.56 -6.00 -21.29
N GLY E 38 -27.98 -6.80 -20.31
CA GLY E 38 -27.04 -7.63 -19.60
C GLY E 38 -26.10 -8.33 -20.55
N SER E 39 -26.64 -9.30 -21.26
CA SER E 39 -25.86 -10.09 -22.21
C SER E 39 -24.94 -9.27 -23.08
N GLY E 40 -25.45 -8.16 -23.59
CA GLY E 40 -24.64 -7.29 -24.46
C GLY E 40 -23.27 -7.03 -23.87
N LEU E 41 -23.26 -6.62 -22.61
CA LEU E 41 -22.01 -6.36 -21.93
C LEU E 41 -21.04 -7.49 -22.21
N LEU E 42 -21.51 -8.70 -21.87
CA LEU E 42 -20.74 -9.92 -22.03
C LEU E 42 -19.99 -10.11 -23.36
N HIS E 43 -20.29 -9.30 -24.36
CA HIS E 43 -19.60 -9.49 -25.63
C HIS E 43 -18.96 -8.24 -26.17
N LEU E 44 -19.03 -7.16 -25.42
CA LEU E 44 -18.41 -5.93 -25.89
C LEU E 44 -16.96 -6.23 -26.23
N GLU E 45 -16.51 -5.69 -27.35
CA GLU E 45 -15.15 -5.87 -27.81
C GLU E 45 -14.60 -4.46 -27.87
N ARG E 46 -13.29 -4.31 -27.78
CA ARG E 46 -12.66 -3.00 -27.85
C ARG E 46 -13.40 -2.01 -28.76
N ARG E 47 -13.83 -2.47 -29.93
CA ARG E 47 -14.51 -1.56 -30.84
C ARG E 47 -15.84 -1.11 -30.29
N ASP E 48 -16.63 -2.05 -29.77
CA ASP E 48 -17.93 -1.70 -29.23
C ASP E 48 -17.76 -0.54 -28.28
N LEU E 49 -16.76 -0.64 -27.42
CA LEU E 49 -16.49 0.43 -26.47
C LEU E 49 -16.10 1.71 -27.18
N LYS E 50 -15.29 1.58 -28.23
CA LYS E 50 -14.87 2.76 -28.97
C LYS E 50 -16.10 3.38 -29.60
N ASP E 51 -17.01 2.53 -30.07
CA ASP E 51 -18.27 3.00 -30.66
C ASP E 51 -19.17 3.48 -29.54
N LEU E 52 -18.99 2.88 -28.37
CA LEU E 52 -19.81 3.26 -27.23
C LEU E 52 -19.30 4.52 -26.55
N GLY E 53 -18.22 5.10 -27.09
CA GLY E 53 -17.71 6.33 -26.53
C GLY E 53 -16.51 6.23 -25.62
N VAL E 54 -16.34 5.11 -24.96
CA VAL E 54 -15.21 4.96 -24.05
C VAL E 54 -13.93 5.15 -24.85
N THR E 55 -12.95 5.82 -24.26
CA THR E 55 -11.69 6.02 -24.95
C THR E 55 -10.47 5.88 -24.07
N LYS E 56 -10.58 6.32 -22.82
CA LYS E 56 -9.45 6.18 -21.94
C LYS E 56 -9.22 4.70 -21.72
N VAL E 57 -8.17 4.18 -22.34
CA VAL E 57 -7.83 2.76 -22.24
C VAL E 57 -8.14 2.18 -20.87
N GLY E 58 -7.53 2.79 -19.86
CA GLY E 58 -7.75 2.34 -18.50
C GLY E 58 -9.21 2.10 -18.17
N HIS E 59 -10.09 2.66 -18.99
CA HIS E 59 -11.52 2.51 -18.79
C HIS E 59 -12.01 1.36 -19.63
N MET E 60 -11.59 1.32 -20.88
CA MET E 60 -12.00 0.16 -21.66
C MET E 60 -11.54 -1.06 -20.87
N LYS E 61 -10.27 -0.99 -20.49
CA LYS E 61 -9.70 -2.07 -19.70
C LYS E 61 -10.57 -2.28 -18.50
N ARG E 62 -10.78 -1.23 -17.73
CA ARG E 62 -11.60 -1.43 -16.54
C ARG E 62 -12.98 -2.07 -16.82
N ILE E 63 -13.59 -1.70 -17.94
CA ILE E 63 -14.89 -2.23 -18.26
C ILE E 63 -14.72 -3.64 -18.70
N LEU E 64 -13.83 -3.85 -19.64
CA LEU E 64 -13.58 -5.19 -20.15
C LEU E 64 -13.26 -6.25 -19.09
N CYS E 65 -12.45 -5.88 -18.10
CA CYS E 65 -12.08 -6.82 -17.07
C CYS E 65 -13.24 -6.96 -16.13
N GLY E 66 -14.02 -5.91 -16.00
CA GLY E 66 -15.16 -5.96 -15.12
C GLY E 66 -16.11 -7.01 -15.66
N ILE E 67 -15.95 -7.32 -16.94
CA ILE E 67 -16.77 -8.33 -17.63
C ILE E 67 -16.18 -9.73 -17.38
N LYS E 68 -14.86 -9.85 -17.56
CA LYS E 68 -14.20 -11.12 -17.29
C LYS E 68 -14.55 -11.49 -15.86
N GLU E 69 -14.59 -10.48 -15.00
CA GLU E 69 -14.89 -10.68 -13.60
C GLU E 69 -16.35 -10.93 -13.26
N LEU E 70 -17.21 -11.24 -14.24
CA LEU E 70 -18.61 -11.50 -13.93
C LEU E 70 -19.03 -12.95 -14.17
N SER E 71 -18.92 -13.38 -15.43
CA SER E 71 -19.25 -14.75 -15.82
C SER E 71 -18.40 -15.69 -15.00
N ARG E 72 -17.09 -15.61 -15.24
CA ARG E 72 -16.10 -16.40 -14.50
C ARG E 72 -16.51 -16.18 -13.05
N PRO F 6 31.49 -15.77 -10.22
CA PRO F 6 32.54 -15.40 -9.22
C PRO F 6 32.60 -13.89 -8.95
N VAL F 7 32.12 -13.50 -7.78
CA VAL F 7 32.03 -12.09 -7.37
C VAL F 7 33.18 -11.07 -7.50
N HIS F 8 34.43 -11.51 -7.45
CA HIS F 8 35.56 -10.57 -7.54
C HIS F 8 35.64 -9.83 -8.88
N LEU F 9 35.09 -10.42 -9.91
CA LEU F 9 35.14 -9.86 -11.23
C LEU F 9 33.77 -9.52 -11.85
N TRP F 10 32.75 -9.48 -11.02
CA TRP F 10 31.40 -9.18 -11.50
C TRP F 10 31.34 -7.98 -12.41
N GLY F 11 30.90 -8.22 -13.64
CA GLY F 11 30.77 -7.13 -14.57
C GLY F 11 29.64 -6.28 -14.01
N THR F 12 29.50 -5.08 -14.52
CA THR F 12 28.45 -4.20 -14.06
C THR F 12 27.12 -4.90 -14.08
N GLU F 13 26.94 -5.82 -15.03
CA GLU F 13 25.68 -6.54 -15.14
C GLU F 13 25.57 -7.67 -14.13
N GLU F 14 26.72 -8.16 -13.71
CA GLU F 14 26.73 -9.25 -12.74
C GLU F 14 26.16 -8.70 -11.46
N VAL F 15 26.58 -7.47 -11.15
CA VAL F 15 26.10 -6.77 -9.96
C VAL F 15 24.57 -6.62 -10.03
N ALA F 16 24.11 -6.19 -11.19
CA ALA F 16 22.70 -5.99 -11.44
C ALA F 16 21.90 -7.14 -10.91
N ALA F 17 22.24 -8.34 -11.36
CA ALA F 17 21.52 -9.54 -10.92
C ALA F 17 21.41 -9.50 -9.42
N TRP F 18 22.57 -9.52 -8.79
CA TRP F 18 22.65 -9.46 -7.35
C TRP F 18 21.58 -8.58 -6.73
N LEU F 19 21.54 -7.32 -7.16
CA LEU F 19 20.55 -6.37 -6.66
C LEU F 19 19.15 -6.88 -6.89
N GLU F 20 18.93 -7.44 -8.07
CA GLU F 20 17.64 -7.99 -8.44
C GLU F 20 17.38 -9.20 -7.55
N HIS F 21 18.44 -9.80 -7.03
CA HIS F 21 18.32 -10.94 -6.14
C HIS F 21 17.92 -10.52 -4.76
N LEU F 22 18.13 -9.24 -4.48
CA LEU F 22 17.79 -8.68 -3.18
C LEU F 22 16.48 -7.94 -3.32
N SER F 23 15.94 -7.94 -4.54
CA SER F 23 14.69 -7.25 -4.83
C SER F 23 14.92 -5.74 -4.69
N LEU F 24 16.04 -5.28 -5.25
CA LEU F 24 16.37 -3.87 -5.20
C LEU F 24 16.62 -3.48 -6.66
N CYS F 25 15.85 -4.09 -7.55
CA CYS F 25 15.98 -3.86 -8.96
C CYS F 25 15.91 -2.41 -9.27
N GLU F 26 15.11 -1.69 -8.50
CA GLU F 26 14.92 -0.27 -8.68
C GLU F 26 16.21 0.54 -8.58
N TYR F 27 17.31 -0.15 -8.31
CA TYR F 27 18.60 0.52 -8.18
C TYR F 27 19.57 0.07 -9.26
N LYS F 28 19.19 -0.96 -10.01
CA LYS F 28 20.06 -1.45 -11.05
C LYS F 28 20.55 -0.33 -11.94
N ASP F 29 19.77 0.74 -12.07
CA ASP F 29 20.17 1.88 -12.91
C ASP F 29 21.48 2.52 -12.48
N ILE F 30 21.41 3.31 -11.43
CA ILE F 30 22.57 4.00 -10.90
C ILE F 30 23.78 3.09 -10.74
N PHE F 31 23.56 1.93 -10.13
CA PHE F 31 24.63 0.97 -9.92
C PHE F 31 25.33 0.59 -11.21
N THR F 32 24.63 0.81 -12.31
CA THR F 32 25.17 0.51 -13.61
C THR F 32 25.83 1.77 -14.12
N ARG F 33 25.14 2.91 -14.02
CA ARG F 33 25.72 4.15 -14.46
C ARG F 33 27.08 4.32 -13.80
N HIS F 34 27.10 4.30 -12.47
CA HIS F 34 28.35 4.46 -11.74
C HIS F 34 29.36 3.35 -11.97
N ASP F 35 29.16 2.57 -13.02
CA ASP F 35 30.08 1.48 -13.36
C ASP F 35 30.47 0.69 -12.11
N ILE F 36 29.49 0.31 -11.31
CA ILE F 36 29.74 -0.42 -10.08
C ILE F 36 30.18 -1.84 -10.40
N ARG F 37 31.49 -2.05 -10.56
CA ARG F 37 32.03 -3.36 -10.84
C ARG F 37 31.90 -4.24 -9.61
N GLY F 38 32.17 -5.52 -9.78
CA GLY F 38 32.09 -6.45 -8.67
C GLY F 38 32.78 -5.89 -7.44
N SER F 39 34.10 -5.78 -7.51
CA SER F 39 34.91 -5.27 -6.40
C SER F 39 34.33 -4.00 -5.78
N GLY F 40 33.93 -3.03 -6.61
CA GLY F 40 33.37 -1.80 -6.08
C GLY F 40 32.38 -2.09 -4.96
N LEU F 41 31.45 -2.99 -5.23
CA LEU F 41 30.46 -3.35 -4.24
C LEU F 41 31.12 -3.58 -2.91
N LEU F 42 32.07 -4.50 -2.93
CA LEU F 42 32.81 -4.89 -1.74
C LEU F 42 33.35 -3.76 -0.86
N HIS F 43 33.32 -2.52 -1.32
CA HIS F 43 33.82 -1.46 -0.47
C HIS F 43 32.88 -0.29 -0.29
N LEU F 44 31.65 -0.44 -0.78
CA LEU F 44 30.67 0.62 -0.62
C LEU F 44 30.54 0.94 0.88
N GLU F 45 30.48 2.22 1.19
CA GLU F 45 30.34 2.65 2.56
C GLU F 45 29.08 3.49 2.57
N ARG F 46 28.42 3.57 3.71
CA ARG F 46 27.18 4.34 3.81
C ARG F 46 27.13 5.51 2.88
N ARG F 47 28.21 6.28 2.81
CA ARG F 47 28.21 7.44 1.91
C ARG F 47 28.09 7.09 0.45
N ASP F 48 28.86 6.10 0.02
CA ASP F 48 28.83 5.71 -1.37
C ASP F 48 27.39 5.48 -1.75
N LEU F 49 26.67 4.79 -0.88
CA LEU F 49 25.27 4.50 -1.14
C LEU F 49 24.46 5.77 -1.16
N LYS F 50 24.78 6.71 -0.27
CA LYS F 50 24.07 7.98 -0.24
C LYS F 50 24.38 8.74 -1.52
N ASP F 51 25.61 8.64 -1.98
CA ASP F 51 25.97 9.29 -3.24
C ASP F 51 25.33 8.47 -4.37
N LEU F 52 25.21 7.16 -4.16
CA LEU F 52 24.66 6.27 -5.16
C LEU F 52 23.15 6.35 -5.26
N GLY F 53 22.57 7.22 -4.44
CA GLY F 53 21.13 7.39 -4.48
C GLY F 53 20.30 6.63 -3.46
N VAL F 54 20.82 5.52 -2.92
CA VAL F 54 20.07 4.74 -1.92
C VAL F 54 19.83 5.62 -0.70
N THR F 55 18.62 5.58 -0.15
CA THR F 55 18.29 6.39 1.02
C THR F 55 17.52 5.65 2.11
N LYS F 56 16.59 4.81 1.71
CA LYS F 56 15.85 4.07 2.72
C LYS F 56 16.83 3.16 3.43
N VAL F 57 17.16 3.56 4.66
CA VAL F 57 18.09 2.81 5.48
C VAL F 57 17.96 1.32 5.24
N GLY F 58 16.75 0.80 5.46
CA GLY F 58 16.49 -0.60 5.26
C GLY F 58 17.05 -1.15 3.97
N HIS F 59 17.40 -0.25 3.05
CA HIS F 59 17.95 -0.65 1.77
C HIS F 59 19.46 -0.55 1.81
N MET F 60 19.98 0.54 2.37
CA MET F 60 21.43 0.65 2.51
C MET F 60 21.89 -0.60 3.28
N LYS F 61 21.20 -0.86 4.39
CA LYS F 61 21.46 -2.04 5.23
C LYS F 61 21.34 -3.29 4.40
N ARG F 62 20.20 -3.43 3.72
CA ARG F 62 19.99 -4.63 2.92
C ARG F 62 21.14 -4.83 1.93
N ILE F 63 21.59 -3.74 1.32
CA ILE F 63 22.67 -3.82 0.36
C ILE F 63 23.95 -4.12 1.10
N LEU F 64 24.26 -3.33 2.11
CA LEU F 64 25.47 -3.48 2.90
C LEU F 64 25.66 -4.88 3.46
N CYS F 65 24.58 -5.47 3.97
CA CYS F 65 24.66 -6.81 4.54
C CYS F 65 24.76 -7.81 3.39
N GLY F 66 24.15 -7.47 2.26
CA GLY F 66 24.21 -8.36 1.12
C GLY F 66 25.67 -8.53 0.73
N ILE F 67 26.47 -7.56 1.14
CA ILE F 67 27.91 -7.52 0.88
C ILE F 67 28.67 -8.41 1.88
N LYS F 68 28.42 -8.23 3.18
CA LYS F 68 29.08 -9.08 4.17
C LYS F 68 28.70 -10.54 3.88
N GLU F 69 27.50 -10.72 3.31
CA GLU F 69 26.92 -12.02 2.99
C GLU F 69 27.35 -12.59 1.65
N LEU F 70 28.18 -11.84 0.93
CA LEU F 70 28.67 -12.25 -0.38
C LEU F 70 30.09 -12.80 -0.28
N SER F 71 30.93 -12.12 0.49
CA SER F 71 32.32 -12.53 0.66
C SER F 71 32.44 -13.62 1.76
N ARG F 72 31.92 -13.30 2.94
CA ARG F 72 31.92 -14.16 4.11
C ARG F 72 31.16 -15.46 3.83
#